data_3ZEI
#
_entry.id   3ZEI
#
_cell.length_a   71.820
_cell.length_b   71.820
_cell.length_c   179.630
_cell.angle_alpha   90.00
_cell.angle_beta   90.00
_cell.angle_gamma   90.00
#
_symmetry.space_group_name_H-M   'P 41 21 2'
#
loop_
_entity.id
_entity.type
_entity.pdbx_description
1 polymer 'O-ACETYLSERINE SULFHYDRYLASE'
2 non-polymer "PYRIDOXAL-5'-PHOSPHATE"
3 non-polymer '3-[(Z)-[(5Z)-5-[[2-(2-hydroxy-2-oxoethyloxy)phenyl]methylidene]-3-methyl-4-oxidanylidene-1,3-thiazolidin-2-ylidene]amino]benzoic acid'
4 non-polymer (4S)-2-METHYL-2,4-PENTANEDIOL
5 water water
#
_entity_poly.entity_id   1
_entity_poly.type   'polypeptide(L)'
_entity_poly.pdbx_seq_one_letter_code
;MSIAEDITQLIGRTPLVRLRRVTDGAVADIVAKLEFFNPANSVKDRIGVAMLQAAEQAGLIKPDTIILEPTSGNTGIALA
MVCAARGYRCVLTMPETMSLERRMLLRAYGAELILTPGADGMSGAIAKAEELAKTDQRYFVPQQFENPANPAIHRVTTAE
EVWRDTDGKVDIVVAGVGTGGTITGVAQVIKERKPSARFVAVEPAASPVLSGGQKGPHPIQGIGAGFVPPVLDQDLVDEI
ITVGNEDALNVARRLAREEGLLVGISSGAATVAALQVARRPENAGKLIVVVLPDFGERYLSTPLFADVAD
;
_entity_poly.pdbx_strand_id   A
#
# COMPACT_ATOMS: atom_id res chain seq x y z
N MET A 1 31.42 -6.50 -2.55
CA MET A 1 30.47 -7.49 -1.94
C MET A 1 29.08 -6.90 -1.83
N SER A 2 28.06 -7.63 -2.27
CA SER A 2 26.69 -7.13 -2.12
C SER A 2 25.91 -8.03 -1.22
N ILE A 3 25.94 -7.72 0.05
CA ILE A 3 25.32 -8.57 1.06
C ILE A 3 24.61 -7.62 1.99
N ALA A 4 23.31 -7.81 2.17
CA ALA A 4 22.55 -6.94 3.03
C ALA A 4 22.88 -7.33 4.48
N GLU A 5 22.86 -6.35 5.39
CA GLU A 5 23.13 -6.64 6.81
C GLU A 5 21.93 -7.31 7.45
N ASP A 6 20.73 -6.90 7.06
CA ASP A 6 19.50 -7.58 7.47
C ASP A 6 18.41 -7.42 6.38
N ILE A 7 17.28 -8.10 6.57
CA ILE A 7 16.18 -8.18 5.58
C ILE A 7 15.59 -6.78 5.27
N THR A 8 15.61 -5.87 6.26
CA THR A 8 15.01 -4.54 6.04
C THR A 8 15.84 -3.73 5.05
N GLN A 9 17.05 -4.15 4.74
CA GLN A 9 17.82 -3.40 3.75
C GLN A 9 17.44 -3.87 2.33
N LEU A 10 16.56 -4.85 2.23
CA LEU A 10 16.20 -5.46 0.94
C LEU A 10 14.78 -5.08 0.57
N ILE A 11 14.26 -4.09 1.25
CA ILE A 11 12.91 -3.58 1.01
C ILE A 11 12.92 -2.58 -0.16
N GLY A 12 11.89 -2.60 -1.02
CA GLY A 12 11.84 -1.61 -2.12
C GLY A 12 12.63 -2.04 -3.33
N ARG A 13 12.97 -1.10 -4.19
CA ARG A 13 13.69 -1.40 -5.46
C ARG A 13 12.94 -2.47 -6.26
N THR A 14 11.65 -2.25 -6.43
CA THR A 14 10.83 -3.28 -7.06
C THR A 14 10.77 -3.00 -8.57
N PRO A 15 10.59 -4.03 -9.42
CA PRO A 15 10.73 -3.85 -10.85
C PRO A 15 9.42 -3.38 -11.56
N LEU A 16 9.59 -2.87 -12.77
CA LEU A 16 8.49 -2.60 -13.71
C LEU A 16 8.36 -3.77 -14.70
N VAL A 17 7.11 -4.15 -15.00
CA VAL A 17 6.82 -5.10 -16.08
C VAL A 17 5.74 -4.53 -17.06
N ARG A 18 5.92 -4.75 -18.36
CA ARG A 18 4.96 -4.27 -19.37
C ARG A 18 3.80 -5.24 -19.43
N LEU A 19 2.58 -4.74 -19.42
CA LEU A 19 1.43 -5.63 -19.62
C LEU A 19 1.29 -5.91 -21.14
N ARG A 20 1.08 -7.16 -21.49
CA ARG A 20 1.09 -7.61 -22.89
C ARG A 20 -0.31 -8.00 -23.37
N ARG A 21 -1.08 -8.68 -22.53
CA ARG A 21 -2.39 -9.24 -22.88
C ARG A 21 -3.54 -8.51 -22.19
N VAL A 22 -3.35 -8.07 -20.95
CA VAL A 22 -4.42 -7.37 -20.23
C VAL A 22 -4.35 -5.91 -20.66
N THR A 23 -4.67 -5.66 -21.93
CA THR A 23 -4.45 -4.34 -22.54
C THR A 23 -5.56 -3.93 -23.55
N ASP A 24 -6.74 -4.52 -23.43
CA ASP A 24 -7.82 -4.37 -24.41
C ASP A 24 -8.18 -2.90 -24.64
N GLY A 25 -7.97 -2.49 -25.89
CA GLY A 25 -8.31 -1.17 -26.36
C GLY A 25 -7.32 -0.09 -25.99
N ALA A 26 -6.20 -0.47 -25.37
CA ALA A 26 -5.24 0.54 -24.94
C ALA A 26 -4.55 1.16 -26.13
N VAL A 27 -4.37 2.47 -26.08
CA VAL A 27 -3.52 3.17 -27.02
C VAL A 27 -2.29 3.75 -26.31
N ALA A 28 -2.21 3.58 -25.00
CA ALA A 28 -1.03 4.00 -24.22
C ALA A 28 -0.29 2.75 -23.77
N ASP A 29 0.98 2.89 -23.49
CA ASP A 29 1.76 1.79 -22.93
C ASP A 29 1.40 1.65 -21.41
N ILE A 30 1.11 0.44 -20.95
CA ILE A 30 0.84 0.23 -19.51
C ILE A 30 1.96 -0.61 -18.90
N VAL A 31 2.64 -0.04 -17.92
CA VAL A 31 3.63 -0.84 -17.20
C VAL A 31 3.28 -0.92 -15.70
N ALA A 32 3.54 -2.08 -15.11
CA ALA A 32 3.11 -2.35 -13.74
C ALA A 32 4.33 -2.40 -12.82
N LYS A 33 4.23 -1.72 -11.67
CA LYS A 33 5.27 -1.75 -10.64
C LYS A 33 4.87 -2.82 -9.64
N LEU A 34 5.70 -3.85 -9.53
CA LEU A 34 5.38 -5.04 -8.81
C LEU A 34 5.79 -4.99 -7.30
N GLU A 35 4.98 -4.33 -6.48
CA GLU A 35 5.24 -4.23 -5.02
C GLU A 35 5.31 -5.59 -4.30
N PHE A 36 4.79 -6.66 -4.92
CA PHE A 36 4.97 -8.00 -4.37
C PHE A 36 6.39 -8.52 -4.34
N PHE A 37 7.32 -7.85 -5.02
CA PHE A 37 8.74 -8.22 -4.93
C PHE A 37 9.42 -7.88 -3.57
N ASN A 38 8.77 -7.03 -2.77
CA ASN A 38 9.17 -6.76 -1.38
C ASN A 38 9.21 -8.05 -0.56
N PRO A 39 10.07 -8.09 0.48
CA PRO A 39 10.34 -9.33 1.23
C PRO A 39 9.11 -10.01 1.82
N ALA A 40 8.13 -9.25 2.24
CA ALA A 40 6.90 -9.84 2.76
C ALA A 40 5.73 -9.61 1.78
N ASN A 41 6.05 -9.36 0.51
CA ASN A 41 5.06 -9.45 -0.57
C ASN A 41 4.04 -8.33 -0.69
N SER A 42 4.30 -7.20 -0.05
CA SER A 42 3.46 -6.04 -0.25
C SER A 42 4.23 -4.77 -0.16
N VAL A 43 3.59 -3.72 -0.66
CA VAL A 43 4.09 -2.36 -0.59
C VAL A 43 4.33 -1.89 0.89
N LYS A 44 3.59 -2.46 1.82
CA LYS A 44 3.63 -1.98 3.23
C LYS A 44 4.99 -2.17 3.92
N ASP A 45 5.78 -3.09 3.42
CA ASP A 45 7.19 -3.25 3.84
C ASP A 45 7.92 -1.93 3.86
N ARG A 46 7.63 -1.08 2.87
CA ARG A 46 8.28 0.21 2.77
C ARG A 46 7.94 1.13 3.97
N ILE A 47 6.67 1.15 4.38
CA ILE A 47 6.28 2.03 5.47
C ILE A 47 6.52 1.38 6.87
N GLY A 48 6.56 0.06 6.95
CA GLY A 48 6.93 -0.68 8.15
C GLY A 48 8.34 -0.27 8.58
N VAL A 49 9.29 -0.36 7.65
CA VAL A 49 10.66 -0.01 7.94
C VAL A 49 10.76 1.51 8.16
N ALA A 50 10.08 2.30 7.33
CA ALA A 50 10.28 3.74 7.34
C ALA A 50 9.73 4.38 8.61
N MET A 51 8.55 3.96 9.05
CA MET A 51 7.96 4.50 10.27
C MET A 51 8.84 4.17 11.52
N LEU A 52 9.43 2.98 11.54
CA LEU A 52 10.36 2.58 12.61
C LEU A 52 11.71 3.32 12.53
N GLN A 53 12.27 3.42 11.33
CA GLN A 53 13.46 4.28 11.11
C GLN A 53 13.26 5.70 11.59
N ALA A 54 12.16 6.33 11.19
CA ALA A 54 11.88 7.70 11.58
C ALA A 54 11.79 7.83 13.14
N ALA A 55 11.13 6.87 13.79
CA ALA A 55 11.06 6.81 15.25
C ALA A 55 12.47 6.66 15.87
N GLU A 56 13.28 5.77 15.31
CA GLU A 56 14.64 5.57 15.76
C GLU A 56 15.48 6.83 15.63
N GLN A 57 15.39 7.49 14.46
CA GLN A 57 16.19 8.68 14.17
CA GLN A 57 16.18 8.68 14.18
C GLN A 57 15.71 9.86 15.01
N ALA A 58 14.48 9.80 15.48
CA ALA A 58 13.97 10.88 16.31
C ALA A 58 14.06 10.56 17.85
N GLY A 59 14.71 9.45 18.18
CA GLY A 59 14.97 9.02 19.56
C GLY A 59 13.74 8.62 20.31
N LEU A 60 12.77 8.02 19.60
CA LEU A 60 11.46 7.76 20.22
C LEU A 60 11.38 6.34 20.70
N ILE A 61 12.34 5.52 20.28
CA ILE A 61 12.40 4.14 20.68
C ILE A 61 13.33 4.07 21.90
N LYS A 62 12.79 3.55 23.00
CA LYS A 62 13.49 3.45 24.30
C LYS A 62 13.78 1.97 24.55
N PRO A 63 14.65 1.67 25.55
CA PRO A 63 14.98 0.26 25.80
C PRO A 63 13.77 -0.61 26.10
N ASP A 64 12.68 -0.04 26.62
CA ASP A 64 11.49 -0.84 26.94
C ASP A 64 10.29 -0.60 25.98
N THR A 65 10.51 0.12 24.89
CA THR A 65 9.44 0.39 23.93
C THR A 65 8.81 -0.89 23.35
N ILE A 66 7.49 -0.90 23.19
CA ILE A 66 6.77 -1.97 22.49
C ILE A 66 6.04 -1.34 21.28
N ILE A 67 6.20 -1.94 20.10
CA ILE A 67 5.50 -1.42 18.89
C ILE A 67 4.05 -1.85 18.92
N LEU A 68 3.13 -0.90 18.72
CA LEU A 68 1.73 -1.23 18.76
C LEU A 68 0.98 -0.57 17.58
N GLU A 69 0.16 -1.35 16.85
CA GLU A 69 -0.62 -0.80 15.73
C GLU A 69 -1.94 -1.58 15.54
N PRO A 70 -3.06 -0.88 15.36
CA PRO A 70 -4.27 -1.58 14.97
C PRO A 70 -4.26 -1.77 13.46
N THR A 71 -4.26 -3.01 13.00
CA THR A 71 -4.24 -3.23 11.54
C THR A 71 -4.90 -4.55 11.19
N SER A 72 -5.72 -4.53 10.15
CA SER A 72 -6.24 -5.78 9.59
C SER A 72 -5.63 -6.08 8.20
N GLY A 73 -4.47 -5.51 7.91
CA GLY A 73 -3.89 -5.64 6.57
C GLY A 73 -2.41 -5.88 6.50
N ASN A 74 -1.85 -5.49 5.36
CA ASN A 74 -0.47 -5.75 5.08
C ASN A 74 0.49 -4.99 6.02
N THR A 75 0.05 -3.87 6.53
CA THR A 75 0.88 -3.09 7.46
C THR A 75 1.24 -3.92 8.71
N GLY A 76 0.32 -4.76 9.17
CA GLY A 76 0.63 -5.67 10.27
C GLY A 76 1.69 -6.68 9.93
N ILE A 77 1.63 -7.19 8.69
CA ILE A 77 2.58 -8.20 8.30
C ILE A 77 3.96 -7.54 8.19
N ALA A 78 4.01 -6.35 7.58
CA ALA A 78 5.26 -5.61 7.41
C ALA A 78 5.85 -5.25 8.79
N LEU A 79 5.03 -4.67 9.65
CA LEU A 79 5.51 -4.31 10.99
C LEU A 79 6.04 -5.55 11.73
N ALA A 80 5.33 -6.68 11.65
CA ALA A 80 5.77 -7.91 12.30
C ALA A 80 7.13 -8.37 11.80
N MET A 81 7.32 -8.32 10.48
CA MET A 81 8.58 -8.70 9.85
CA MET A 81 8.60 -8.71 9.87
C MET A 81 9.72 -7.75 10.27
N VAL A 82 9.46 -6.47 10.19
CA VAL A 82 10.44 -5.44 10.50
C VAL A 82 10.81 -5.52 12.03
N CYS A 83 9.83 -5.70 12.90
CA CYS A 83 10.10 -5.89 14.35
C CYS A 83 10.92 -7.13 14.62
N ALA A 84 10.63 -8.22 13.90
CA ALA A 84 11.42 -9.43 14.05
C ALA A 84 12.87 -9.21 13.60
N ALA A 85 13.07 -8.49 12.49
CA ALA A 85 14.44 -8.21 12.10
C ALA A 85 15.13 -7.30 13.16
N ARG A 86 14.42 -6.31 13.66
CA ARG A 86 14.98 -5.33 14.62
C ARG A 86 15.15 -5.90 16.01
N GLY A 87 14.34 -6.90 16.35
CA GLY A 87 14.32 -7.52 17.69
C GLY A 87 13.44 -6.72 18.61
N TYR A 88 12.43 -6.04 18.04
CA TYR A 88 11.46 -5.30 18.83
C TYR A 88 10.28 -6.19 19.12
N ARG A 89 9.54 -5.83 20.17
CA ARG A 89 8.35 -6.53 20.55
C ARG A 89 7.20 -5.86 19.81
N CYS A 90 6.32 -6.66 19.23
CA CYS A 90 5.31 -6.13 18.34
C CYS A 90 3.95 -6.63 18.74
N VAL A 91 3.04 -5.71 19.03
CA VAL A 91 1.71 -6.06 19.40
C VAL A 91 0.77 -5.46 18.36
N LEU A 92 -0.14 -6.27 17.84
CA LEU A 92 -1.11 -5.81 16.86
C LEU A 92 -2.50 -6.04 17.36
N THR A 93 -3.36 -5.01 17.27
CA THR A 93 -4.78 -5.23 17.55
C THR A 93 -5.58 -5.43 16.25
N MET A 94 -6.59 -6.28 16.31
CA MET A 94 -7.44 -6.56 15.15
C MET A 94 -8.73 -7.26 15.61
N PRO A 95 -9.82 -7.16 14.81
CA PRO A 95 -11.07 -7.90 15.12
C PRO A 95 -10.85 -9.40 15.16
N GLU A 96 -11.56 -10.09 16.06
CA GLU A 96 -11.46 -11.56 16.14
C GLU A 96 -11.97 -12.25 14.88
N THR A 97 -12.58 -11.49 13.97
CA THR A 97 -12.97 -11.99 12.65
C THR A 97 -11.80 -12.37 11.73
N MET A 98 -10.58 -11.88 12.02
CA MET A 98 -9.40 -12.21 11.18
C MET A 98 -9.19 -13.71 11.06
N SER A 99 -8.86 -14.16 9.85
CA SER A 99 -8.66 -15.57 9.61
C SER A 99 -7.55 -16.14 10.46
N LEU A 100 -7.61 -17.44 10.71
CA LEU A 100 -6.57 -18.16 11.40
C LEU A 100 -5.28 -18.17 10.60
N GLU A 101 -5.40 -18.11 9.27
CA GLU A 101 -4.20 -18.07 8.40
C GLU A 101 -3.40 -16.79 8.68
N ARG A 102 -4.07 -15.65 8.69
CA ARG A 102 -3.49 -14.37 9.00
C ARG A 102 -2.81 -14.36 10.39
N ARG A 103 -3.54 -14.84 11.40
CA ARG A 103 -3.00 -14.89 12.75
C ARG A 103 -1.73 -15.73 12.79
N MET A 104 -1.75 -16.90 12.15
CA MET A 104 -0.55 -17.75 12.13
C MET A 104 0.62 -17.06 11.43
N LEU A 105 0.36 -16.31 10.37
CA LEU A 105 1.39 -15.57 9.68
C LEU A 105 2.00 -14.50 10.61
N LEU A 106 1.16 -13.68 11.23
CA LEU A 106 1.68 -12.68 12.19
C LEU A 106 2.49 -13.31 13.34
N ARG A 107 2.00 -14.41 13.90
CA ARG A 107 2.68 -15.09 15.01
C ARG A 107 3.93 -15.79 14.54
N ALA A 108 3.97 -16.21 13.25
CA ALA A 108 5.19 -16.81 12.72
C ALA A 108 6.33 -15.79 12.81
N TYR A 109 6.00 -14.51 12.70
CA TYR A 109 7.03 -13.50 12.83
C TYR A 109 7.27 -13.11 14.29
N GLY A 110 6.52 -13.70 15.23
CA GLY A 110 6.71 -13.46 16.67
C GLY A 110 5.88 -12.31 17.18
N ALA A 111 4.95 -11.82 16.36
CA ALA A 111 4.03 -10.76 16.78
C ALA A 111 2.99 -11.31 17.77
N GLU A 112 2.53 -10.44 18.68
CA GLU A 112 1.51 -10.78 19.67
C GLU A 112 0.21 -10.11 19.28
N LEU A 113 -0.87 -10.88 19.27
CA LEU A 113 -2.13 -10.37 18.76
C LEU A 113 -3.11 -10.13 19.88
N ILE A 114 -3.80 -9.00 19.81
CA ILE A 114 -4.90 -8.72 20.71
C ILE A 114 -6.11 -8.64 19.81
N LEU A 115 -6.98 -9.63 20.00
CA LEU A 115 -8.21 -9.83 19.23
C LEU A 115 -9.36 -9.09 19.90
N THR A 116 -10.07 -8.26 19.13
CA THR A 116 -11.09 -7.37 19.63
C THR A 116 -12.47 -7.82 19.09
N PRO A 117 -13.60 -7.35 19.69
CA PRO A 117 -14.91 -7.95 19.31
C PRO A 117 -15.25 -7.84 17.82
N GLY A 118 -15.65 -8.97 17.24
CA GLY A 118 -15.94 -9.08 15.81
C GLY A 118 -16.94 -8.06 15.32
N ALA A 119 -17.95 -7.77 16.14
CA ALA A 119 -19.00 -6.80 15.80
C ALA A 119 -18.51 -5.34 15.70
N ASP A 120 -17.44 -5.00 16.42
CA ASP A 120 -16.92 -3.61 16.40
C ASP A 120 -15.96 -3.32 15.24
N GLY A 121 -15.46 -4.40 14.62
CA GLY A 121 -14.58 -4.32 13.47
C GLY A 121 -13.33 -3.48 13.71
N MET A 122 -12.98 -2.66 12.74
CA MET A 122 -11.79 -1.82 12.83
C MET A 122 -11.82 -0.81 13.96
N SER A 123 -12.97 -0.17 14.21
CA SER A 123 -13.05 0.87 15.25
C SER A 123 -12.71 0.29 16.64
N GLY A 124 -13.10 -0.96 16.89
CA GLY A 124 -12.78 -1.66 18.12
C GLY A 124 -11.29 -1.93 18.27
N ALA A 125 -10.64 -2.23 17.14
CA ALA A 125 -9.20 -2.48 17.14
C ALA A 125 -8.44 -1.20 17.44
N ILE A 126 -8.90 -0.07 16.88
CA ILE A 126 -8.37 1.26 17.13
C ILE A 126 -8.59 1.68 18.60
N ALA A 127 -9.82 1.50 19.10
CA ALA A 127 -10.17 1.83 20.51
C ALA A 127 -9.28 1.05 21.50
N LYS A 128 -9.12 -0.25 21.27
CA LYS A 128 -8.20 -1.04 22.08
C LYS A 128 -6.75 -0.52 22.04
N ALA A 129 -6.26 -0.16 20.85
CA ALA A 129 -4.90 0.37 20.74
C ALA A 129 -4.79 1.72 21.42
N GLU A 130 -5.78 2.59 21.20
CA GLU A 130 -5.85 3.90 21.88
C GLU A 130 -5.74 3.76 23.40
N GLU A 131 -6.49 2.82 23.96
CA GLU A 131 -6.57 2.62 25.40
C GLU A 131 -5.28 2.00 25.97
N LEU A 132 -4.72 1.01 25.28
CA LEU A 132 -3.45 0.41 25.70
C LEU A 132 -2.34 1.46 25.71
N ALA A 133 -2.28 2.30 24.69
CA ALA A 133 -1.26 3.33 24.55
C ALA A 133 -1.41 4.40 25.64
N LYS A 134 -2.67 4.73 25.92
CA LYS A 134 -3.03 5.77 26.87
C LYS A 134 -2.62 5.36 28.28
N THR A 135 -2.72 4.07 28.57
CA THR A 135 -2.47 3.59 29.93
C THR A 135 -1.13 2.86 30.11
N ASP A 136 -0.35 2.72 29.06
CA ASP A 136 0.97 2.12 29.19
C ASP A 136 1.94 2.87 28.27
N GLN A 137 2.90 3.55 28.87
CA GLN A 137 3.81 4.42 28.13
C GLN A 137 4.89 3.68 27.33
N ARG A 138 5.04 2.38 27.54
CA ARG A 138 5.97 1.61 26.73
C ARG A 138 5.56 1.56 25.23
N TYR A 139 4.27 1.65 24.94
CA TYR A 139 3.78 1.52 23.56
C TYR A 139 4.17 2.68 22.67
N PHE A 140 4.81 2.38 21.53
CA PHE A 140 4.90 3.33 20.43
C PHE A 140 3.95 2.91 19.27
N VAL A 141 3.00 3.75 18.89
CA VAL A 141 2.08 3.40 17.80
C VAL A 141 2.45 4.18 16.53
N PRO A 142 2.89 3.46 15.47
CA PRO A 142 3.34 4.11 14.23
C PRO A 142 2.29 5.05 13.60
N GLN A 143 1.01 4.68 13.67
CA GLN A 143 -0.09 5.48 13.08
C GLN A 143 0.08 5.66 11.54
N GLN A 144 -0.05 4.56 10.80
CA GLN A 144 0.18 4.55 9.35
C GLN A 144 -0.61 5.61 8.55
N PHE A 145 -1.80 5.96 9.02
CA PHE A 145 -2.64 6.96 8.34
C PHE A 145 -2.27 8.41 8.58
N GLU A 146 -1.34 8.64 9.52
CA GLU A 146 -0.96 10.02 9.88
C GLU A 146 0.53 10.27 9.84
N ASN A 147 1.30 9.20 9.79
CA ASN A 147 2.71 9.28 9.98
C ASN A 147 3.41 9.87 8.75
N PRO A 148 4.11 11.03 8.94
CA PRO A 148 4.72 11.65 7.74
C PRO A 148 5.80 10.80 7.08
N ALA A 149 6.30 9.78 7.77
CA ALA A 149 7.30 8.89 7.20
C ALA A 149 6.72 7.98 6.07
N ASN A 150 5.40 7.80 6.07
CA ASN A 150 4.69 6.98 5.07
C ASN A 150 4.89 7.67 3.67
N PRO A 151 4.32 8.85 3.45
CA PRO A 151 4.63 9.51 2.18
C PRO A 151 6.13 9.80 1.97
N ALA A 152 6.87 10.10 3.05
CA ALA A 152 8.32 10.36 2.87
C ALA A 152 9.09 9.20 2.22
N ILE A 153 8.83 7.96 2.65
CA ILE A 153 9.61 6.83 2.14
C ILE A 153 9.25 6.64 0.65
N HIS A 154 8.02 6.99 0.30
CA HIS A 154 7.61 6.93 -1.12
C HIS A 154 8.27 8.04 -1.96
N ARG A 155 8.49 9.22 -1.38
CA ARG A 155 9.27 10.26 -2.08
C ARG A 155 10.67 9.78 -2.38
N VAL A 156 11.27 9.13 -1.38
CA VAL A 156 12.67 8.78 -1.41
C VAL A 156 12.94 7.46 -2.17
N THR A 157 12.00 6.52 -2.18
CA THR A 157 12.27 5.23 -2.79
C THR A 157 11.35 5.00 -4.02
N THR A 158 10.07 4.71 -3.78
CA THR A 158 9.09 4.41 -4.86
C THR A 158 9.17 5.38 -6.06
N ALA A 159 9.03 6.69 -5.77
CA ALA A 159 9.09 7.76 -6.76
C ALA A 159 10.35 7.80 -7.59
N GLU A 160 11.51 7.66 -6.93
CA GLU A 160 12.77 7.68 -7.63
C GLU A 160 12.93 6.44 -8.45
N GLU A 161 12.38 5.33 -7.97
CA GLU A 161 12.44 4.07 -8.73
C GLU A 161 11.59 4.22 -10.03
N VAL A 162 10.42 4.84 -9.93
CA VAL A 162 9.55 5.07 -11.09
C VAL A 162 10.29 6.00 -12.07
N TRP A 163 10.80 7.11 -11.53
CA TRP A 163 11.56 8.07 -12.31
C TRP A 163 12.73 7.44 -13.08
N ARG A 164 13.64 6.78 -12.37
CA ARG A 164 14.80 6.13 -12.99
C ARG A 164 14.45 5.01 -13.94
N ASP A 165 13.54 4.11 -13.54
CA ASP A 165 13.27 2.95 -14.39
C ASP A 165 12.56 3.33 -15.71
N THR A 166 11.86 4.46 -15.73
CA THR A 166 11.20 4.94 -16.94
C THR A 166 12.03 6.03 -17.66
N ASP A 167 13.25 6.30 -17.17
CA ASP A 167 14.11 7.35 -17.71
CA ASP A 167 14.11 7.35 -17.71
C ASP A 167 13.37 8.68 -17.80
N GLY A 168 12.56 8.98 -16.79
CA GLY A 168 11.79 10.24 -16.78
C GLY A 168 10.62 10.25 -17.78
N LYS A 169 10.38 9.13 -18.45
CA LYS A 169 9.29 9.07 -19.45
C LYS A 169 7.86 8.80 -18.93
N VAL A 170 7.71 8.38 -17.66
CA VAL A 170 6.38 8.20 -17.07
C VAL A 170 5.50 9.47 -17.30
N ASP A 171 4.25 9.28 -17.74
CA ASP A 171 3.32 10.40 -17.98
C ASP A 171 2.18 10.40 -16.99
N ILE A 172 1.75 9.22 -16.61
CA ILE A 172 0.57 9.04 -15.77
C ILE A 172 0.87 7.92 -14.76
N VAL A 173 0.60 8.17 -13.48
CA VAL A 173 0.70 7.11 -12.47
C VAL A 173 -0.69 6.83 -11.94
N VAL A 174 -1.02 5.56 -11.91
CA VAL A 174 -2.31 5.13 -11.44
C VAL A 174 -2.10 4.30 -10.17
N ALA A 175 -2.76 4.69 -9.09
CA ALA A 175 -2.55 4.00 -7.79
C ALA A 175 -3.80 3.97 -6.92
N GLY A 176 -4.09 2.80 -6.39
CA GLY A 176 -5.11 2.71 -5.33
C GLY A 176 -4.69 3.53 -4.09
N VAL A 177 -5.66 4.22 -3.50
CA VAL A 177 -5.46 4.99 -2.25
C VAL A 177 -6.00 4.24 -1.03
N GLY A 178 -5.09 3.81 -0.15
CA GLY A 178 -5.49 3.25 1.17
C GLY A 178 -5.17 4.31 2.21
N THR A 179 -3.90 4.39 2.60
CA THR A 179 -3.42 5.53 3.41
C THR A 179 -3.19 6.74 2.54
N GLY A 180 -2.90 6.51 1.26
CA GLY A 180 -2.64 7.62 0.34
C GLY A 180 -1.17 7.93 0.19
N GLY A 181 -0.33 7.19 0.93
CA GLY A 181 1.08 7.45 0.98
C GLY A 181 1.75 7.25 -0.37
N THR A 182 1.44 6.13 -1.02
CA THR A 182 2.06 5.79 -2.29
C THR A 182 1.85 6.90 -3.33
N ILE A 183 0.59 7.21 -3.61
CA ILE A 183 0.31 8.19 -4.67
C ILE A 183 0.81 9.58 -4.29
N THR A 184 0.71 9.92 -3.00
CA THR A 184 1.16 11.24 -2.51
C THR A 184 2.68 11.38 -2.66
N GLY A 185 3.43 10.39 -2.19
CA GLY A 185 4.89 10.48 -2.23
C GLY A 185 5.39 10.52 -3.66
N VAL A 186 4.79 9.69 -4.51
CA VAL A 186 5.18 9.62 -5.94
C VAL A 186 4.80 10.93 -6.65
N ALA A 187 3.58 11.42 -6.42
CA ALA A 187 3.19 12.70 -6.98
C ALA A 187 4.08 13.85 -6.50
N GLN A 188 4.37 13.87 -5.20
CA GLN A 188 5.21 14.96 -4.65
C GLN A 188 6.52 15.11 -5.38
N VAL A 189 7.18 14.00 -5.69
CA VAL A 189 8.45 14.04 -6.40
C VAL A 189 8.24 14.20 -7.92
N ILE A 190 7.38 13.35 -8.49
CA ILE A 190 7.29 13.34 -9.95
C ILE A 190 6.64 14.61 -10.56
N LYS A 191 5.60 15.12 -9.92
CA LYS A 191 4.87 16.30 -10.43
C LYS A 191 5.73 17.56 -10.41
N GLU A 192 6.67 17.63 -9.48
CA GLU A 192 7.55 18.78 -9.42
C GLU A 192 8.65 18.70 -10.47
N ARG A 193 9.19 17.50 -10.65
CA ARG A 193 10.22 17.26 -11.63
C ARG A 193 9.69 17.29 -13.09
N LYS A 194 8.45 16.87 -13.29
CA LYS A 194 7.81 16.82 -14.60
C LYS A 194 6.36 17.28 -14.43
N PRO A 195 6.11 18.59 -14.56
CA PRO A 195 4.80 19.16 -14.22
C PRO A 195 3.62 18.72 -15.12
N SER A 196 3.93 18.14 -16.28
CA SER A 196 2.92 17.58 -17.17
C SER A 196 2.42 16.19 -16.72
N ALA A 197 3.20 15.54 -15.83
CA ALA A 197 2.77 14.25 -15.23
C ALA A 197 1.41 14.36 -14.57
N ARG A 198 0.62 13.29 -14.67
CA ARG A 198 -0.70 13.26 -14.03
C ARG A 198 -0.90 12.06 -13.12
N PHE A 199 -1.76 12.22 -12.12
CA PHE A 199 -1.95 11.19 -11.10
C PHE A 199 -3.38 10.82 -10.88
N VAL A 200 -3.65 9.52 -11.00
CA VAL A 200 -5.02 8.99 -10.89
C VAL A 200 -5.14 8.17 -9.64
N ALA A 201 -5.97 8.61 -8.70
CA ALA A 201 -6.31 7.82 -7.52
C ALA A 201 -7.45 6.85 -7.84
N VAL A 202 -7.35 5.63 -7.33
CA VAL A 202 -8.35 4.60 -7.49
C VAL A 202 -8.99 4.29 -6.15
N GLU A 203 -10.32 4.30 -6.11
CA GLU A 203 -11.07 3.81 -4.95
C GLU A 203 -12.24 2.86 -5.32
N PRO A 204 -12.78 2.10 -4.32
CA PRO A 204 -13.94 1.27 -4.66
C PRO A 204 -15.21 2.05 -4.99
N ALA A 205 -15.94 1.59 -6.01
CA ALA A 205 -17.27 2.15 -6.33
C ALA A 205 -18.19 1.90 -5.14
N ALA A 206 -17.97 0.79 -4.44
CA ALA A 206 -18.73 0.43 -3.26
C ALA A 206 -18.47 1.34 -2.02
N SER A 207 -17.43 2.16 -2.04
CA SER A 207 -17.11 3.06 -0.91
C SER A 207 -16.41 4.29 -1.46
N PRO A 208 -17.14 5.13 -2.22
CA PRO A 208 -16.50 6.16 -3.02
C PRO A 208 -16.28 7.46 -2.26
N VAL A 209 -15.47 7.40 -1.21
CA VAL A 209 -15.30 8.56 -0.30
C VAL A 209 -14.55 9.71 -0.95
N LEU A 210 -13.42 9.45 -1.61
CA LEU A 210 -12.70 10.54 -2.25
C LEU A 210 -13.53 11.25 -3.34
N SER A 211 -14.42 10.50 -4.00
CA SER A 211 -15.31 11.06 -5.04
C SER A 211 -16.41 11.94 -4.44
N GLY A 212 -16.58 11.88 -3.11
CA GLY A 212 -17.61 12.66 -2.42
C GLY A 212 -18.74 11.80 -1.89
N GLY A 213 -18.63 10.48 -2.03
CA GLY A 213 -19.69 9.59 -1.59
C GLY A 213 -19.53 9.13 -0.15
N GLN A 214 -20.27 8.09 0.22
CA GLN A 214 -20.28 7.58 1.58
C GLN A 214 -19.52 6.27 1.71
N LYS A 215 -19.02 6.04 2.92
CA LYS A 215 -18.37 4.80 3.25
C LYS A 215 -19.38 3.66 3.09
N GLY A 216 -18.93 2.51 2.59
CA GLY A 216 -19.73 1.30 2.59
C GLY A 216 -18.79 0.11 2.58
N PRO A 217 -19.29 -1.07 2.94
CA PRO A 217 -18.35 -2.20 2.97
C PRO A 217 -17.92 -2.60 1.55
N HIS A 218 -16.77 -3.27 1.43
CA HIS A 218 -16.25 -3.65 0.10
C HIS A 218 -15.14 -4.66 0.31
N PRO A 219 -14.84 -5.48 -0.71
CA PRO A 219 -13.84 -6.55 -0.52
C PRO A 219 -12.42 -6.17 -1.05
N ILE A 220 -12.23 -4.94 -1.49
CA ILE A 220 -10.97 -4.57 -2.15
C ILE A 220 -9.91 -4.20 -1.08
N GLN A 221 -9.34 -5.21 -0.45
CA GLN A 221 -8.49 -4.97 0.72
C GLN A 221 -7.32 -4.06 0.41
N GLY A 222 -7.15 -3.01 1.23
CA GLY A 222 -5.96 -2.14 1.11
C GLY A 222 -6.33 -0.77 0.64
N ILE A 223 -7.45 -0.67 -0.07
CA ILE A 223 -7.90 0.65 -0.49
C ILE A 223 -9.27 0.87 0.11
N GLY A 224 -9.85 2.04 -0.16
CA GLY A 224 -11.16 2.40 0.39
C GLY A 224 -11.23 2.36 1.92
N ALA A 225 -10.49 3.26 2.58
CA ALA A 225 -10.40 3.28 4.06
C ALA A 225 -11.66 3.82 4.70
N GLY A 226 -12.42 4.63 3.97
CA GLY A 226 -13.74 5.05 4.39
C GLY A 226 -13.76 6.46 4.89
N PHE A 227 -12.63 7.14 4.78
CA PHE A 227 -12.47 8.53 5.19
C PHE A 227 -11.33 9.06 4.35
N VAL A 228 -11.11 10.37 4.37
CA VAL A 228 -9.97 10.98 3.68
C VAL A 228 -8.75 10.94 4.58
N PRO A 229 -7.76 10.09 4.26
CA PRO A 229 -6.62 9.97 5.17
C PRO A 229 -5.79 11.26 5.20
N PRO A 230 -5.40 11.72 6.41
CA PRO A 230 -4.58 12.95 6.57
C PRO A 230 -3.28 12.96 5.75
N VAL A 231 -2.66 11.79 5.61
CA VAL A 231 -1.45 11.59 4.82
C VAL A 231 -1.65 11.88 3.30
N LEU A 232 -2.87 11.70 2.79
CA LEU A 232 -3.14 11.93 1.37
C LEU A 232 -3.14 13.44 1.05
N ASP A 233 -2.43 13.84 -0.02
CA ASP A 233 -2.54 15.23 -0.50
C ASP A 233 -3.40 15.29 -1.77
N GLN A 234 -4.68 15.59 -1.55
CA GLN A 234 -5.65 15.58 -2.62
C GLN A 234 -5.38 16.57 -3.74
N ASP A 235 -4.61 17.62 -3.45
CA ASP A 235 -4.34 18.65 -4.45
C ASP A 235 -3.43 18.15 -5.55
N LEU A 236 -2.68 17.09 -5.28
CA LEU A 236 -1.78 16.48 -6.27
C LEU A 236 -2.52 15.41 -7.13
N VAL A 237 -3.68 14.96 -6.67
CA VAL A 237 -4.47 13.96 -7.36
C VAL A 237 -5.23 14.66 -8.51
N ASP A 238 -5.03 14.21 -9.74
CA ASP A 238 -5.69 14.85 -10.93
C ASP A 238 -7.08 14.25 -11.27
N GLU A 239 -7.33 13.01 -10.91
CA GLU A 239 -8.58 12.33 -11.24
C GLU A 239 -8.79 11.18 -10.30
N ILE A 240 -10.04 10.93 -9.92
CA ILE A 240 -10.40 9.72 -9.20
C ILE A 240 -11.22 8.80 -10.10
N ILE A 241 -10.83 7.54 -10.16
CA ILE A 241 -11.64 6.49 -10.78
C ILE A 241 -12.15 5.50 -9.72
N THR A 242 -13.45 5.28 -9.71
CA THR A 242 -14.04 4.25 -8.87
C THR A 242 -14.10 2.96 -9.65
N VAL A 243 -14.00 1.83 -8.95
CA VAL A 243 -13.91 0.53 -9.60
C VAL A 243 -14.84 -0.39 -8.84
N GLY A 244 -15.63 -1.17 -9.59
CA GLY A 244 -16.57 -2.12 -8.99
C GLY A 244 -15.85 -3.36 -8.58
N ASN A 245 -16.42 -4.08 -7.60
CA ASN A 245 -15.82 -5.27 -7.05
C ASN A 245 -15.59 -6.31 -8.10
N GLU A 246 -16.59 -6.54 -8.96
CA GLU A 246 -16.49 -7.61 -9.94
C GLU A 246 -15.42 -7.33 -10.99
N ASP A 247 -15.37 -6.10 -11.50
CA ASP A 247 -14.29 -5.71 -12.43
C ASP A 247 -12.92 -5.87 -11.80
N ALA A 248 -12.77 -5.41 -10.55
CA ALA A 248 -11.48 -5.55 -9.84
C ALA A 248 -11.11 -7.02 -9.76
N LEU A 249 -12.02 -7.88 -9.37
CA LEU A 249 -11.68 -9.29 -9.27
C LEU A 249 -11.42 -9.93 -10.65
N ASN A 250 -12.21 -9.53 -11.66
CA ASN A 250 -12.03 -10.08 -12.98
CA ASN A 250 -12.05 -10.01 -13.05
C ASN A 250 -10.63 -9.74 -13.53
N VAL A 251 -10.24 -8.47 -13.46
CA VAL A 251 -8.92 -8.06 -13.96
C VAL A 251 -7.75 -8.73 -13.16
N ALA A 252 -7.89 -8.85 -11.83
CA ALA A 252 -6.91 -9.60 -11.04
C ALA A 252 -6.74 -11.03 -11.54
N ARG A 253 -7.85 -11.68 -11.90
CA ARG A 253 -7.77 -13.06 -12.38
C ARG A 253 -7.07 -13.09 -13.73
N ARG A 254 -7.38 -12.11 -14.58
CA ARG A 254 -6.78 -12.02 -15.94
C ARG A 254 -5.26 -11.79 -15.81
N LEU A 255 -4.87 -10.92 -14.87
CA LEU A 255 -3.42 -10.67 -14.59
C LEU A 255 -2.68 -11.95 -14.29
N ALA A 256 -3.29 -12.82 -13.48
CA ALA A 256 -2.65 -14.10 -13.11
C ALA A 256 -2.60 -15.10 -14.28
N ARG A 257 -3.71 -15.19 -15.01
CA ARG A 257 -3.88 -16.21 -16.02
C ARG A 257 -3.19 -15.80 -17.32
N GLU A 258 -3.18 -14.50 -17.59
CA GLU A 258 -2.69 -13.99 -18.87
C GLU A 258 -1.32 -13.33 -18.85
N GLU A 259 -0.87 -12.91 -17.66
CA GLU A 259 0.46 -12.28 -17.49
C GLU A 259 1.37 -13.05 -16.54
N GLY A 260 0.86 -14.07 -15.86
CA GLY A 260 1.61 -14.78 -14.83
C GLY A 260 1.86 -13.89 -13.60
N LEU A 261 1.06 -12.84 -13.44
CA LEU A 261 1.14 -11.88 -12.30
C LEU A 261 0.03 -12.17 -11.27
N LEU A 262 0.32 -13.00 -10.28
CA LEU A 262 -0.67 -13.36 -9.27
C LEU A 262 -0.72 -12.25 -8.22
N VAL A 263 -1.71 -11.38 -8.31
CA VAL A 263 -1.73 -10.16 -7.53
C VAL A 263 -3.02 -10.08 -6.73
N GLY A 264 -3.08 -9.18 -5.76
CA GLY A 264 -4.28 -9.07 -4.92
C GLY A 264 -5.36 -8.25 -5.63
N ILE A 265 -6.51 -8.16 -4.99
CA ILE A 265 -7.68 -7.60 -5.63
C ILE A 265 -7.51 -6.12 -5.87
N SER A 266 -6.75 -5.44 -5.00
CA SER A 266 -6.57 -4.02 -5.19
C SER A 266 -5.67 -3.79 -6.41
N SER A 267 -4.82 -4.75 -6.77
CA SER A 267 -4.01 -4.64 -8.01
C SER A 267 -4.93 -4.72 -9.25
N GLY A 268 -5.97 -5.56 -9.13
CA GLY A 268 -7.00 -5.70 -10.17
C GLY A 268 -7.70 -4.38 -10.32
N ALA A 269 -8.10 -3.79 -9.19
CA ALA A 269 -8.67 -2.46 -9.21
C ALA A 269 -7.85 -1.41 -9.89
N ALA A 270 -6.57 -1.29 -9.53
CA ALA A 270 -5.71 -0.25 -10.10
C ALA A 270 -5.59 -0.51 -11.61
N THR A 271 -5.51 -1.77 -12.02
CA THR A 271 -5.38 -2.10 -13.43
C THR A 271 -6.65 -1.75 -14.23
N VAL A 272 -7.83 -2.02 -13.66
CA VAL A 272 -9.09 -1.56 -14.28
C VAL A 272 -8.93 -0.10 -14.63
N ALA A 273 -8.52 0.70 -13.65
CA ALA A 273 -8.44 2.13 -13.87
C ALA A 273 -7.34 2.49 -14.91
N ALA A 274 -6.21 1.76 -14.88
CA ALA A 274 -5.11 2.03 -15.84
C ALA A 274 -5.57 1.70 -17.30
N LEU A 275 -6.35 0.63 -17.44
CA LEU A 275 -6.93 0.25 -18.74
C LEU A 275 -7.88 1.34 -19.23
N GLN A 276 -8.70 1.86 -18.34
CA GLN A 276 -9.62 2.95 -18.68
C GLN A 276 -8.92 4.17 -19.19
N VAL A 277 -7.96 4.67 -18.41
CA VAL A 277 -7.15 5.80 -18.84
C VAL A 277 -6.43 5.51 -20.15
N ALA A 278 -5.93 4.28 -20.32
CA ALA A 278 -5.14 3.92 -21.49
C ALA A 278 -5.92 3.93 -22.84
N ARG A 279 -7.25 3.83 -22.74
CA ARG A 279 -8.17 3.84 -23.91
C ARG A 279 -8.45 5.24 -24.46
N ARG A 280 -8.06 6.29 -23.75
CA ARG A 280 -8.38 7.64 -24.18
C ARG A 280 -7.44 8.11 -25.28
N PRO A 281 -8.00 8.51 -26.45
CA PRO A 281 -7.16 8.86 -27.61
C PRO A 281 -6.14 9.94 -27.28
N GLU A 282 -6.48 10.89 -26.42
CA GLU A 282 -5.53 11.92 -26.00
C GLU A 282 -4.29 11.32 -25.29
N ASN A 283 -4.40 10.07 -24.85
CA ASN A 283 -3.27 9.40 -24.19
C ASN A 283 -2.49 8.48 -25.13
N ALA A 284 -2.76 8.55 -26.44
CA ALA A 284 -2.01 7.72 -27.41
C ALA A 284 -0.50 7.91 -27.21
N GLY A 285 0.24 6.81 -27.11
CA GLY A 285 1.70 6.88 -26.97
C GLY A 285 2.26 7.29 -25.59
N LYS A 286 1.39 7.56 -24.63
CA LYS A 286 1.84 7.90 -23.28
C LYS A 286 2.29 6.65 -22.50
N LEU A 287 3.06 6.86 -21.44
CA LEU A 287 3.51 5.74 -20.60
C LEU A 287 2.73 5.81 -19.28
N ILE A 288 1.97 4.75 -18.99
CA ILE A 288 1.18 4.73 -17.77
C ILE A 288 1.85 3.75 -16.82
N VAL A 289 2.20 4.25 -15.63
CA VAL A 289 2.72 3.32 -14.58
C VAL A 289 1.61 3.02 -13.58
N VAL A 290 1.29 1.75 -13.42
CA VAL A 290 0.26 1.34 -12.49
C VAL A 290 0.89 0.59 -11.30
N VAL A 291 0.57 1.00 -10.08
CA VAL A 291 1.10 0.29 -8.89
C VAL A 291 0.27 -0.93 -8.56
N LEU A 292 0.91 -2.10 -8.54
CA LEU A 292 0.32 -3.34 -8.08
C LEU A 292 0.79 -3.66 -6.62
N PRO A 293 -0.07 -3.39 -5.63
CA PRO A 293 0.45 -3.36 -4.23
C PRO A 293 0.90 -4.67 -3.58
N ASP A 294 0.27 -5.80 -3.90
CA ASP A 294 0.63 -7.05 -3.24
C ASP A 294 0.40 -8.37 -4.03
N PHE A 295 0.87 -9.49 -3.47
CA PHE A 295 0.80 -10.82 -4.07
C PHE A 295 -0.59 -11.43 -3.85
N GLY A 296 -1.08 -12.20 -4.83
CA GLY A 296 -2.41 -12.78 -4.72
C GLY A 296 -2.57 -14.01 -3.85
N GLU A 297 -1.48 -14.72 -3.54
CA GLU A 297 -1.56 -16.01 -2.86
C GLU A 297 -2.22 -15.91 -1.47
N ARG A 298 -2.03 -14.76 -0.83
CA ARG A 298 -2.57 -14.43 0.47
C ARG A 298 -4.09 -14.38 0.47
N TYR A 299 -4.68 -14.24 -0.70
CA TYR A 299 -6.13 -14.09 -0.85
C TYR A 299 -6.81 -15.42 -1.22
N LEU A 300 -6.05 -16.50 -1.28
CA LEU A 300 -6.61 -17.80 -1.65
C LEU A 300 -6.61 -18.71 -0.43
#